data_8Y33
#
_entry.id   8Y33
#
_cell.length_a   105.987
_cell.length_b   105.987
_cell.length_c   41.691
_cell.angle_alpha   90.00
_cell.angle_beta   90.00
_cell.angle_gamma   120.00
#
_symmetry.space_group_name_H-M   'P 65'
#
loop_
_entity.id
_entity.type
_entity.pdbx_description
1 polymer 'near-infrared fluorescent protein'
2 non-polymer '3-[5-[(4-ethenyl-3-methyl-5-oxidanylidene-pyrrol-2-yl)methyl]-2-[[5-[(3-ethyl-4-methyl-5-oxidanylidene-pyrrol-2-yl)methyl]-3-(3-hydroxy-3-oxopropyl)-4-methyl-1~{H}-pyrrol-2-yl]methyl]-4-methyl-1~{H}-pyrrol-3-yl]propanoic acid'
#
_entity_poly.entity_id   1
_entity_poly.type   'polypeptide(L)'
_entity_poly.pdbx_seq_one_letter_code
;GRGSEDFQYAIDMFKKFIEEAAASMGPEAVKYAKEFLKLLKEYHKNGINNRLLKIALLLLRNQKKIVDKASQDLWRRHPE
LIAPGGIAFSQRDRALCLRDYGWFLILIVMCLVSGDKGPIEKIGLKCIREMYNSLGVVPAMMESIRCLKEASLSLLDEED
ANETAPYFDYIIKAMSLEHHHHHH
;
_entity_poly.pdbx_strand_id   A
#
loop_
_chem_comp.id
_chem_comp.type
_chem_comp.name
_chem_comp.formula
V8U non-polymer '3-[5-[(4-ethenyl-3-methyl-5-oxidanylidene-pyrrol-2-yl)methyl]-2-[[5-[(3-ethyl-4-methyl-5-oxidanylidene-pyrrol-2-yl)methyl]-3-(3-hydroxy-3-oxopropyl)-4-methyl-1~{H}-pyrrol-2-yl]methyl]-4-methyl-1~{H}-pyrrol-3-yl]propanoic acid' 'C33 H38 N4 O6'
#
# COMPACT_ATOMS: atom_id res chain seq x y z
N GLY A 1 -7.94 14.91 -9.33
CA GLY A 1 -8.21 13.48 -9.29
C GLY A 1 -9.05 13.01 -10.47
N ARG A 2 -9.01 11.70 -10.73
CA ARG A 2 -9.75 11.11 -11.84
C ARG A 2 -9.87 9.62 -11.61
N GLY A 3 -11.09 9.09 -11.76
CA GLY A 3 -11.32 7.66 -11.69
C GLY A 3 -11.76 7.11 -13.03
N SER A 4 -11.65 5.79 -13.19
CA SER A 4 -12.02 5.16 -14.46
C SER A 4 -12.23 3.67 -14.23
N GLU A 5 -12.99 3.06 -15.14
CA GLU A 5 -13.26 1.63 -15.12
C GLU A 5 -12.53 0.91 -16.25
N ASP A 6 -11.37 1.42 -16.65
CA ASP A 6 -10.60 0.86 -17.75
C ASP A 6 -9.32 0.22 -17.23
N PHE A 7 -8.72 -0.63 -18.08
CA PHE A 7 -7.42 -1.18 -17.76
C PHE A 7 -6.33 -0.12 -17.81
N GLN A 8 -6.51 0.90 -18.66
CA GLN A 8 -5.52 1.97 -18.75
C GLN A 8 -5.45 2.78 -17.46
N TYR A 9 -6.55 2.84 -16.70
CA TYR A 9 -6.53 3.57 -15.44
C TYR A 9 -5.60 2.90 -14.43
N ALA A 10 -5.73 1.59 -14.26
CA ALA A 10 -4.84 0.86 -13.36
C ALA A 10 -3.40 0.95 -13.82
N ILE A 11 -3.17 0.89 -15.13
CA ILE A 11 -1.82 1.03 -15.66
C ILE A 11 -1.25 2.40 -15.31
N ASP A 12 -2.04 3.45 -15.53
CA ASP A 12 -1.58 4.81 -15.23
C ASP A 12 -1.33 4.99 -13.74
N MET A 13 -2.15 4.35 -12.90
CA MET A 13 -1.93 4.43 -11.46
C MET A 13 -0.60 3.78 -11.07
N PHE A 14 -0.24 2.68 -11.74
CA PHE A 14 1.05 2.05 -11.47
C PHE A 14 2.20 2.90 -12.01
N LYS A 15 2.01 3.54 -13.17
CA LYS A 15 3.05 4.41 -13.72
C LYS A 15 3.33 5.57 -12.79
N LYS A 16 2.28 6.28 -12.35
CA LYS A 16 2.47 7.40 -11.43
C LYS A 16 3.10 6.94 -10.13
N PHE A 17 2.75 5.73 -9.68
CA PHE A 17 3.34 5.21 -8.45
C PHE A 17 4.83 4.92 -8.63
N ILE A 18 5.21 4.35 -9.78
CA ILE A 18 6.61 4.09 -10.06
C ILE A 18 7.41 5.40 -10.09
N GLU A 19 6.85 6.42 -10.74
CA GLU A 19 7.54 7.70 -10.83
C GLU A 19 7.68 8.35 -9.46
N GLU A 20 6.59 8.38 -8.69
CA GLU A 20 6.61 9.08 -7.40
C GLU A 20 7.52 8.39 -6.40
N ALA A 21 7.54 7.06 -6.41
CA ALA A 21 8.24 6.30 -5.37
C ALA A 21 9.60 5.80 -5.81
N ALA A 22 10.04 6.11 -7.03
CA ALA A 22 11.28 5.55 -7.55
C ALA A 22 12.47 5.84 -6.64
N ALA A 23 12.62 7.11 -6.24
CA ALA A 23 13.74 7.48 -5.38
C ALA A 23 13.63 6.86 -3.99
N SER A 24 12.43 6.47 -3.56
CA SER A 24 12.26 5.92 -2.22
C SER A 24 12.49 4.41 -2.18
N MET A 25 12.00 3.67 -3.17
CA MET A 25 12.10 2.21 -3.13
C MET A 25 13.44 1.70 -3.67
N GLY A 26 14.21 2.53 -4.34
CA GLY A 26 15.51 2.12 -4.86
C GLY A 26 15.42 1.62 -6.29
N PRO A 27 16.58 1.35 -6.90
CA PRO A 27 16.60 0.98 -8.32
C PRO A 27 16.18 -0.45 -8.58
N GLU A 28 16.52 -1.37 -7.68
CA GLU A 28 16.11 -2.76 -7.87
C GLU A 28 14.60 -2.91 -7.82
N ALA A 29 13.92 -2.03 -7.09
CA ALA A 29 12.47 -2.14 -6.96
C ALA A 29 11.74 -1.53 -8.15
N VAL A 30 12.26 -0.43 -8.70
CA VAL A 30 11.63 0.14 -9.88
C VAL A 30 11.82 -0.77 -11.09
N LYS A 31 12.91 -1.53 -11.12
CA LYS A 31 13.07 -2.53 -12.18
C LYS A 31 12.03 -3.62 -12.05
N TYR A 32 11.80 -4.10 -10.82
CA TYR A 32 10.75 -5.07 -10.58
C TYR A 32 9.39 -4.52 -11.01
N ALA A 33 9.09 -3.29 -10.61
CA ALA A 33 7.78 -2.70 -10.92
C ALA A 33 7.62 -2.48 -12.42
N LYS A 34 8.70 -2.07 -13.10
CA LYS A 34 8.62 -1.89 -14.55
C LYS A 34 8.39 -3.21 -15.26
N GLU A 35 9.04 -4.28 -14.80
CA GLU A 35 8.80 -5.59 -15.40
C GLU A 35 7.39 -6.08 -15.10
N PHE A 36 6.90 -5.82 -13.88
CA PHE A 36 5.52 -6.17 -13.55
C PHE A 36 4.54 -5.47 -14.47
N LEU A 37 4.77 -4.18 -14.73
CA LEU A 37 3.87 -3.43 -15.60
C LEU A 37 3.90 -3.96 -17.02
N LYS A 38 5.08 -4.35 -17.50
CA LYS A 38 5.18 -4.91 -18.85
C LYS A 38 4.47 -6.26 -18.94
N LEU A 39 4.58 -7.08 -17.91
CA LEU A 39 3.98 -8.41 -17.94
C LEU A 39 2.45 -8.32 -17.85
N LEU A 40 1.94 -7.45 -16.98
CA LEU A 40 0.49 -7.31 -16.85
C LEU A 40 -0.14 -6.84 -18.16
N LYS A 41 0.54 -5.94 -18.87
CA LYS A 41 0.03 -5.50 -20.17
C LYS A 41 0.11 -6.62 -21.20
N GLU A 42 1.17 -7.44 -21.14
CA GLU A 42 1.30 -8.54 -22.09
C GLU A 42 0.20 -9.58 -21.87
N TYR A 43 -0.08 -9.93 -20.61
CA TYR A 43 -1.16 -10.87 -20.33
C TYR A 43 -2.53 -10.25 -20.49
N HIS A 44 -2.62 -8.91 -20.42
CA HIS A 44 -3.89 -8.25 -20.72
C HIS A 44 -4.25 -8.41 -22.20
N LYS A 45 -3.24 -8.57 -23.06
CA LYS A 45 -3.51 -8.85 -24.47
C LYS A 45 -4.22 -10.18 -24.66
N ASN A 46 -4.14 -11.08 -23.68
CA ASN A 46 -4.78 -12.39 -23.74
C ASN A 46 -6.00 -12.47 -22.83
N GLY A 47 -6.59 -11.32 -22.48
CA GLY A 47 -7.75 -11.32 -21.61
C GLY A 47 -7.40 -11.31 -20.14
N ILE A 48 -8.05 -10.44 -19.37
CA ILE A 48 -7.74 -10.27 -17.97
C ILE A 48 -8.89 -10.81 -17.12
N ASN A 49 -8.56 -11.18 -15.89
CA ASN A 49 -9.56 -11.62 -14.92
C ASN A 49 -10.42 -10.43 -14.51
N ASN A 50 -11.71 -10.48 -14.85
CA ASN A 50 -12.57 -9.33 -14.63
C ASN A 50 -12.85 -9.11 -13.15
N ARG A 51 -13.00 -10.19 -12.38
CA ARG A 51 -13.27 -10.04 -10.96
C ARG A 51 -12.09 -9.39 -10.23
N LEU A 52 -10.87 -9.76 -10.62
CA LEU A 52 -9.69 -9.18 -9.97
C LEU A 52 -9.52 -7.72 -10.37
N LEU A 53 -9.68 -7.41 -11.65
CA LEU A 53 -9.58 -6.02 -12.10
C LEU A 53 -10.68 -5.16 -11.49
N LYS A 54 -11.85 -5.75 -11.22
CA LYS A 54 -12.93 -4.99 -10.60
C LYS A 54 -12.58 -4.58 -9.18
N ILE A 55 -12.06 -5.52 -8.38
CA ILE A 55 -11.64 -5.19 -7.03
C ILE A 55 -10.45 -4.24 -7.06
N ALA A 56 -9.58 -4.40 -8.06
CA ALA A 56 -8.41 -3.53 -8.17
C ALA A 56 -8.83 -2.09 -8.46
N LEU A 57 -9.75 -1.90 -9.41
CA LEU A 57 -10.21 -0.56 -9.73
C LEU A 57 -10.97 0.06 -8.56
N LEU A 58 -11.81 -0.73 -7.89
CA LEU A 58 -12.62 -0.19 -6.80
C LEU A 58 -11.76 0.39 -5.69
N LEU A 59 -10.64 -0.29 -5.37
CA LEU A 59 -9.73 0.24 -4.38
C LEU A 59 -8.89 1.40 -4.93
N LEU A 60 -8.65 1.39 -6.24
CA LEU A 60 -7.79 2.41 -6.83
C LEU A 60 -8.50 3.76 -6.93
N ARG A 61 -9.75 3.76 -7.38
CA ARG A 61 -10.50 5.01 -7.49
C ARG A 61 -10.76 5.65 -6.12
N ASN A 62 -10.93 4.83 -5.09
CA ASN A 62 -11.17 5.32 -3.73
C ASN A 62 -9.90 5.31 -2.88
N GLN A 63 -8.74 5.58 -3.50
CA GLN A 63 -7.47 5.53 -2.76
C GLN A 63 -7.41 6.62 -1.71
N LYS A 64 -7.74 7.85 -2.09
CA LYS A 64 -7.67 8.97 -1.15
C LYS A 64 -8.73 8.85 -0.05
N LYS A 65 -9.90 8.28 -0.36
CA LYS A 65 -10.90 8.06 0.66
C LYS A 65 -10.42 7.05 1.69
N ILE A 66 -9.77 5.97 1.22
CA ILE A 66 -9.22 4.97 2.14
C ILE A 66 -8.10 5.58 2.96
N VAL A 67 -7.24 6.36 2.33
CA VAL A 67 -6.10 6.96 3.03
C VAL A 67 -6.59 7.90 4.14
N ASP A 68 -7.59 8.72 3.83
CA ASP A 68 -8.11 9.66 4.83
C ASP A 68 -8.82 8.93 5.96
N LYS A 69 -9.61 7.90 5.63
CA LYS A 69 -10.33 7.18 6.67
C LYS A 69 -9.38 6.41 7.58
N ALA A 70 -8.35 5.78 7.01
CA ALA A 70 -7.39 5.03 7.80
C ALA A 70 -6.56 5.95 8.68
N SER A 71 -6.10 7.08 8.13
CA SER A 71 -5.31 8.02 8.90
C SER A 71 -6.12 8.62 10.05
N GLN A 72 -7.41 8.87 9.80
CA GLN A 72 -8.26 9.39 10.86
C GLN A 72 -8.45 8.36 11.97
N ASP A 73 -8.63 7.09 11.60
CA ASP A 73 -8.72 6.03 12.61
C ASP A 73 -7.41 5.90 13.37
N LEU A 74 -6.28 6.01 12.68
CA LEU A 74 -4.99 5.84 13.34
C LEU A 74 -4.72 6.94 14.35
N TRP A 75 -4.99 8.20 13.98
CA TRP A 75 -4.76 9.31 14.89
C TRP A 75 -5.66 9.20 16.12
N ARG A 76 -6.86 8.66 15.96
CA ARG A 76 -7.76 8.50 17.10
C ARG A 76 -7.28 7.40 18.03
N ARG A 77 -6.87 6.25 17.48
CA ARG A 77 -6.41 5.15 18.31
C ARG A 77 -5.04 5.42 18.92
N HIS A 78 -4.24 6.29 18.31
CA HIS A 78 -2.91 6.61 18.82
C HIS A 78 -2.63 8.09 18.61
N PRO A 79 -3.20 8.95 19.45
CA PRO A 79 -2.97 10.41 19.30
C PRO A 79 -1.52 10.82 19.51
N GLU A 80 -0.68 9.96 20.07
CA GLU A 80 0.72 10.31 20.28
C GLU A 80 1.47 10.46 18.97
N LEU A 81 0.93 9.93 17.86
CA LEU A 81 1.62 10.03 16.58
C LEU A 81 1.65 11.47 16.08
N ILE A 82 0.56 12.22 16.30
CA ILE A 82 0.47 13.59 15.81
C ILE A 82 0.70 14.61 16.92
N ALA A 83 0.89 14.17 18.15
CA ALA A 83 1.19 15.08 19.25
C ALA A 83 2.66 15.49 19.20
N PRO A 84 3.01 16.59 19.87
CA PRO A 84 4.42 17.01 19.92
C PRO A 84 5.34 15.87 20.36
N GLY A 85 6.48 15.76 19.70
CA GLY A 85 7.38 14.65 19.91
C GLY A 85 7.01 13.40 19.13
N GLY A 86 5.86 13.38 18.47
CA GLY A 86 5.46 12.23 17.68
C GLY A 86 6.11 12.20 16.32
N ILE A 87 5.91 11.06 15.64
CA ILE A 87 6.53 10.86 14.33
C ILE A 87 5.75 11.61 13.25
N ALA A 88 4.42 11.70 13.37
CA ALA A 88 3.60 12.41 12.40
C ALA A 88 3.14 13.77 12.90
N PHE A 89 3.87 14.39 13.82
CA PHE A 89 3.50 15.71 14.32
C PHE A 89 3.72 16.77 13.25
N SER A 90 4.87 16.74 12.60
CA SER A 90 5.17 17.73 11.56
C SER A 90 4.22 17.57 10.38
N GLN A 91 3.81 18.69 9.80
CA GLN A 91 2.92 18.66 8.65
C GLN A 91 3.55 17.92 7.48
N ARG A 92 4.86 18.10 7.30
CA ARG A 92 5.56 17.33 6.26
C ARG A 92 5.60 15.85 6.59
N ASP A 93 5.85 15.52 7.87
CA ASP A 93 5.89 14.12 8.27
C ASP A 93 4.52 13.47 8.15
N ARG A 94 3.46 14.17 8.58
CA ARG A 94 2.12 13.64 8.45
C ARG A 94 1.73 13.46 6.99
N ALA A 95 2.17 14.37 6.12
CA ALA A 95 1.92 14.21 4.70
C ALA A 95 2.65 13.00 4.13
N LEU A 96 3.80 12.65 4.71
CA LEU A 96 4.55 11.50 4.26
C LEU A 96 3.86 10.20 4.69
N CYS A 97 3.14 10.26 5.81
CA CYS A 97 2.37 9.13 6.30
C CYS A 97 1.29 8.78 5.27
N LEU A 98 0.61 9.81 4.79
CA LEU A 98 -0.48 9.64 3.84
C LEU A 98 0.05 9.20 2.49
N ARG A 99 1.26 9.65 2.15
CA ARG A 99 1.92 9.21 0.93
C ARG A 99 2.22 7.72 0.98
N ASP A 100 2.89 7.28 2.05
CA ASP A 100 3.16 5.85 2.22
C ASP A 100 1.89 5.05 2.35
N TYR A 101 0.83 5.65 2.91
CA TYR A 101 -0.46 4.99 2.97
C TYR A 101 -0.99 4.68 1.57
N GLY A 102 -0.99 5.69 0.70
CA GLY A 102 -1.39 5.45 -0.68
C GLY A 102 -0.45 4.52 -1.42
N TRP A 103 0.84 4.58 -1.09
CA TRP A 103 1.80 3.67 -1.71
C TRP A 103 1.56 2.22 -1.26
N PHE A 104 1.29 2.03 0.03
CA PHE A 104 0.96 0.70 0.53
C PHE A 104 -0.26 0.14 -0.20
N LEU A 105 -1.23 1.00 -0.51
CA LEU A 105 -2.42 0.54 -1.22
C LEU A 105 -2.08 0.09 -2.63
N ILE A 106 -1.22 0.84 -3.33
CA ILE A 106 -0.83 0.46 -4.69
C ILE A 106 -0.19 -0.92 -4.68
N LEU A 107 0.67 -1.19 -3.70
CA LEU A 107 1.26 -2.52 -3.58
C LEU A 107 0.19 -3.59 -3.38
N ILE A 108 -0.83 -3.28 -2.58
CA ILE A 108 -1.95 -4.20 -2.40
C ILE A 108 -2.64 -4.46 -3.73
N VAL A 109 -2.90 -3.40 -4.50
CA VAL A 109 -3.57 -3.55 -5.79
C VAL A 109 -2.69 -4.30 -6.78
N MET A 110 -1.38 -4.12 -6.73
CA MET A 110 -0.50 -4.87 -7.61
C MET A 110 -0.59 -6.37 -7.34
N CYS A 111 -0.85 -6.75 -6.09
CA CYS A 111 -1.05 -8.16 -5.76
C CYS A 111 -2.41 -8.68 -6.18
N LEU A 112 -3.43 -7.81 -6.14
CA LEU A 112 -4.78 -8.22 -6.53
C LEU A 112 -4.83 -8.67 -7.99
N VAL A 113 -4.31 -7.82 -8.89
CA VAL A 113 -4.40 -8.12 -10.33
C VAL A 113 -3.54 -9.33 -10.68
N SER A 114 -2.48 -9.59 -9.92
CA SER A 114 -1.64 -10.74 -10.19
C SER A 114 -2.01 -11.96 -9.36
N GLY A 115 -2.80 -11.79 -8.30
CA GLY A 115 -3.13 -12.89 -7.44
C GLY A 115 -1.95 -13.45 -6.68
N ASP A 116 -0.92 -12.64 -6.46
CA ASP A 116 0.31 -13.11 -5.84
C ASP A 116 0.91 -12.02 -4.99
N LYS A 117 1.50 -12.41 -3.86
CA LYS A 117 2.12 -11.49 -2.92
C LYS A 117 3.52 -11.07 -3.34
N GLY A 118 3.89 -11.32 -4.60
CA GLY A 118 5.20 -10.99 -5.11
C GLY A 118 5.63 -9.55 -4.90
N PRO A 119 4.81 -8.59 -5.37
CA PRO A 119 5.19 -7.17 -5.20
C PRO A 119 5.37 -6.73 -3.76
N ILE A 120 4.75 -7.43 -2.79
CA ILE A 120 4.99 -7.08 -1.40
C ILE A 120 6.28 -7.73 -0.90
N GLU A 121 6.62 -8.91 -1.41
CA GLU A 121 7.90 -9.53 -1.06
C GLU A 121 9.07 -8.67 -1.53
N LYS A 122 9.06 -8.27 -2.80
CA LYS A 122 10.20 -7.57 -3.38
C LYS A 122 10.24 -6.11 -2.94
N ILE A 123 9.17 -5.36 -3.21
CA ILE A 123 9.16 -3.94 -2.92
C ILE A 123 8.74 -3.65 -1.49
N GLY A 124 7.70 -4.35 -1.00
CA GLY A 124 7.16 -4.03 0.31
C GLY A 124 8.13 -4.32 1.44
N LEU A 125 8.73 -5.51 1.43
CA LEU A 125 9.61 -5.90 2.53
C LEU A 125 10.83 -5.00 2.59
N LYS A 126 11.37 -4.61 1.43
CA LYS A 126 12.53 -3.73 1.41
C LYS A 126 12.18 -2.35 1.93
N CYS A 127 11.01 -1.82 1.55
CA CYS A 127 10.64 -0.47 1.95
C CYS A 127 10.29 -0.41 3.42
N ILE A 128 9.75 -1.48 4.00
CA ILE A 128 9.47 -1.49 5.43
C ILE A 128 10.78 -1.44 6.22
N ARG A 129 11.82 -2.12 5.74
CA ARG A 129 13.12 -2.05 6.39
C ARG A 129 13.71 -0.64 6.29
N GLU A 130 13.61 -0.03 5.11
CA GLU A 130 14.13 1.32 4.94
C GLU A 130 13.29 2.35 5.67
N MET A 131 11.98 2.13 5.76
CA MET A 131 11.12 3.04 6.51
C MET A 131 11.44 3.01 8.00
N TYR A 132 11.81 1.83 8.53
CA TYR A 132 12.19 1.75 9.93
C TYR A 132 13.59 2.28 10.20
N ASN A 133 14.45 2.33 9.18
CA ASN A 133 15.77 2.93 9.37
C ASN A 133 15.67 4.44 9.51
N SER A 134 14.68 5.05 8.88
CA SER A 134 14.48 6.49 8.97
C SER A 134 13.60 6.90 10.15
N LEU A 135 12.69 6.02 10.57
CA LEU A 135 11.74 6.32 11.63
C LEU A 135 12.16 5.75 12.99
N GLY A 136 12.61 4.50 13.02
CA GLY A 136 12.85 3.83 14.27
C GLY A 136 11.64 3.01 14.70
N VAL A 137 11.74 2.46 15.90
CA VAL A 137 10.70 1.59 16.44
C VAL A 137 9.68 2.45 17.19
N VAL A 138 8.52 2.65 16.58
CA VAL A 138 7.42 3.37 17.20
C VAL A 138 6.26 2.40 17.38
N PRO A 139 5.85 2.09 18.60
CA PRO A 139 4.87 0.99 18.81
C PRO A 139 3.52 1.26 18.17
N ALA A 140 3.13 2.53 18.02
CA ALA A 140 1.85 2.84 17.40
C ALA A 140 1.80 2.47 15.93
N MET A 141 2.95 2.19 15.31
CA MET A 141 2.98 1.87 13.87
C MET A 141 2.32 0.54 13.56
N MET A 142 2.21 -0.36 14.55
CA MET A 142 1.60 -1.65 14.30
C MET A 142 0.13 -1.53 13.94
N GLU A 143 -0.55 -0.52 14.45
CA GLU A 143 -1.95 -0.27 14.11
C GLU A 143 -2.12 0.45 12.77
N SER A 144 -1.02 0.80 12.10
CA SER A 144 -1.13 1.57 10.86
C SER A 144 -1.83 0.77 9.77
N ILE A 145 -1.24 -0.37 9.39
CA ILE A 145 -1.80 -1.16 8.30
C ILE A 145 -3.15 -1.74 8.67
N ARG A 146 -3.43 -1.91 9.98
CA ARG A 146 -4.74 -2.35 10.40
C ARG A 146 -5.81 -1.33 10.03
N CYS A 147 -5.52 -0.04 10.27
CA CYS A 147 -6.45 1.01 9.85
C CYS A 147 -6.61 1.03 8.33
N LEU A 148 -5.51 0.81 7.60
CA LEU A 148 -5.60 0.74 6.15
C LEU A 148 -6.40 -0.49 5.72
N LYS A 149 -6.20 -1.62 6.40
CA LYS A 149 -6.96 -2.81 6.08
C LYS A 149 -8.44 -2.63 6.37
N GLU A 150 -8.76 -2.09 7.54
CA GLU A 150 -10.16 -1.88 7.91
C GLU A 150 -10.82 -0.84 7.02
N ALA A 151 -10.05 0.16 6.54
CA ALA A 151 -10.62 1.18 5.68
C ALA A 151 -10.79 0.68 4.24
N SER A 152 -9.93 -0.24 3.79
CA SER A 152 -10.07 -0.79 2.45
C SER A 152 -11.17 -1.85 2.39
N LEU A 153 -11.17 -2.78 3.35
CA LEU A 153 -12.13 -3.87 3.32
C LEU A 153 -13.56 -3.41 3.59
N SER A 154 -13.74 -2.27 4.24
CA SER A 154 -15.08 -1.74 4.47
C SER A 154 -15.75 -1.27 3.18
N LEU A 155 -15.02 -1.20 2.08
CA LEU A 155 -15.57 -0.84 0.78
C LEU A 155 -15.80 -2.05 -0.12
N LEU A 156 -15.63 -3.26 0.41
CA LEU A 156 -15.77 -4.48 -0.36
C LEU A 156 -16.77 -5.41 0.32
N ASP A 157 -17.32 -6.33 -0.47
CA ASP A 157 -18.19 -7.36 0.06
C ASP A 157 -17.35 -8.45 0.73
N GLU A 158 -18.03 -9.43 1.32
CA GLU A 158 -17.31 -10.48 2.05
C GLU A 158 -16.44 -11.31 1.10
N GLU A 159 -16.92 -11.53 -0.13
CA GLU A 159 -16.13 -12.30 -1.09
C GLU A 159 -14.92 -11.51 -1.55
N ASP A 160 -15.08 -10.22 -1.85
CA ASP A 160 -13.95 -9.40 -2.27
C ASP A 160 -12.99 -9.14 -1.13
N ALA A 161 -13.53 -8.99 0.09
CA ALA A 161 -12.65 -8.75 1.24
C ALA A 161 -11.81 -9.97 1.55
N ASN A 162 -12.37 -11.17 1.37
CA ASN A 162 -11.59 -12.38 1.60
C ASN A 162 -10.47 -12.52 0.57
N GLU A 163 -10.64 -11.93 -0.61
CA GLU A 163 -9.59 -11.96 -1.63
C GLU A 163 -8.48 -10.95 -1.33
N THR A 164 -8.81 -9.84 -0.66
CA THR A 164 -7.85 -8.78 -0.40
C THR A 164 -7.19 -8.91 0.97
N ALA A 165 -7.88 -9.48 1.94
CA ALA A 165 -7.36 -9.56 3.30
C ALA A 165 -5.97 -10.21 3.42
N PRO A 166 -5.65 -11.31 2.72
CA PRO A 166 -4.32 -11.91 2.93
C PRO A 166 -3.16 -10.97 2.66
N TYR A 167 -3.28 -10.07 1.68
CA TYR A 167 -2.18 -9.17 1.39
C TYR A 167 -1.97 -8.15 2.50
N PHE A 168 -3.04 -7.72 3.17
CA PHE A 168 -2.89 -6.86 4.33
C PHE A 168 -2.30 -7.62 5.51
N ASP A 169 -2.74 -8.86 5.70
CA ASP A 169 -2.17 -9.69 6.78
C ASP A 169 -0.68 -9.91 6.56
N TYR A 170 -0.26 -10.11 5.30
CA TYR A 170 1.14 -10.33 5.02
C TYR A 170 1.99 -9.11 5.37
N ILE A 171 1.46 -7.91 5.13
CA ILE A 171 2.20 -6.69 5.45
C ILE A 171 2.27 -6.51 6.97
N ILE A 172 1.15 -6.73 7.67
CA ILE A 172 1.14 -6.55 9.12
C ILE A 172 2.11 -7.50 9.79
N LYS A 173 2.13 -8.76 9.37
CA LYS A 173 3.08 -9.72 9.92
C LYS A 173 4.52 -9.29 9.64
N ALA A 174 4.78 -8.83 8.42
CA ALA A 174 6.13 -8.40 8.06
C ALA A 174 6.56 -7.19 8.88
N MET A 175 5.66 -6.22 9.02
CA MET A 175 5.94 -5.07 9.88
C MET A 175 6.20 -5.51 11.32
N SER A 176 5.45 -6.52 11.79
CA SER A 176 5.62 -7.01 13.15
C SER A 176 7.03 -7.54 13.37
N LEU A 177 7.53 -8.35 12.44
CA LEU A 177 8.87 -8.91 12.59
C LEU A 177 9.93 -7.82 12.44
N GLU A 178 9.72 -6.90 11.50
CA GLU A 178 10.65 -5.77 11.37
C GLU A 178 10.62 -4.89 12.61
N HIS A 179 9.45 -4.77 13.24
CA HIS A 179 9.30 -3.90 14.40
C HIS A 179 10.07 -4.42 15.59
N HIS A 180 9.89 -5.71 15.91
CA HIS A 180 10.43 -6.29 17.14
C HIS A 180 11.74 -7.02 16.95
N HIS A 181 12.25 -7.11 15.72
CA HIS A 181 13.54 -7.74 15.45
C HIS A 181 14.49 -6.81 14.71
N HIS A 182 14.22 -5.50 14.73
CA HIS A 182 15.04 -4.54 13.99
C HIS A 182 16.44 -4.45 14.59
N HIS A 183 16.53 -4.10 15.87
CA HIS A 183 17.82 -3.87 16.51
C HIS A 183 18.44 -5.17 16.98
N HIS A 184 18.24 -6.25 16.23
CA HIS A 184 18.79 -7.56 16.58
C HIS A 184 19.30 -8.29 15.34
O2A V8U B . 11.25 7.82 1.19
C1A V8U B . 10.07 6.16 4.07
C2A V8U B . 11.07 5.41 3.48
C3A V8U B . 10.48 4.31 2.93
C4A V8U B . 9.12 4.43 3.21
C1B V8U B . 7.87 3.23 1.31
C2B V8U B . 6.75 2.56 0.68
C3B V8U B . 6.96 2.55 -0.71
C4B V8U B . 8.24 3.25 -0.98
C1C V8U B . 3.99 5.22 7.01
C2C V8U B . 3.32 5.81 8.19
C3C V8U B . 3.97 7.02 8.52
C4C V8U B . 5.06 7.19 7.56
C1D V8U B . 7.34 8.40 6.94
C2D V8U B . 8.23 9.44 7.16
C3D V8U B . 9.42 9.23 6.42
C4D V8U B . 9.25 8.03 5.71
O2D V8U B . 13.59 10.74 8.35
CGD V8U B . 12.87 10.55 7.44
O1D V8U B . 13.20 10.85 6.34
CBD V8U B . 11.49 9.92 7.65
CAD V8U B . 10.65 10.15 6.40
CMD V8U B . 7.96 10.62 8.08
CHD V8U B . 5.97 8.41 7.62
CAC V8U B . 3.51 8.06 9.53
CBC V8U B . 3.47 7.78 11.04
CMC V8U B . 2.11 5.24 8.93
OC V8U B . 3.64 4.02 6.39
NC V8U B . 5.05 6.06 6.64
ND V8U B . 7.95 7.51 6.02
CHA V8U B . 10.35 7.48 4.79
CAA V8U B . 12.55 5.77 3.45
CBA V8U B . 12.92 6.43 2.13
CGA V8U B . 12.15 7.75 1.97
O1A V8U B . 12.44 8.69 2.62
CMA V8U B . 11.19 3.19 2.18
NA V8U B . 8.90 5.55 3.91
CHB V8U B . 8.02 3.44 2.82
CMB V8U B . 5.54 1.95 1.39
CAB V8U B . 6.01 1.95 -1.74
CBB V8U B . 6.77 1.26 -2.88
OB V8U B . 8.81 3.46 -2.24
NB V8U B . 8.78 3.65 0.24
#